data_6CAZ
#
_entry.id   6CAZ
#
_cell.length_a   38.210
_cell.length_b   50.900
_cell.length_c   105.330
_cell.angle_alpha   90.000
_cell.angle_beta   90.000
_cell.angle_gamma   90.000
#
_symmetry.space_group_name_H-M   'P 21 21 21'
#
loop_
_entity.id
_entity.type
_entity.pdbx_description
1 polymer 'Peptide deformylase'
2 non-polymer '2-(N-MORPHOLINO)-ETHANESULFONIC ACID'
3 non-polymer 'CHLORIDE ION'
4 non-polymer 'NICKEL (II) ION'
5 water water
#
_entity_poly.entity_id   1
_entity_poly.type   'polypeptide(L)'
_entity_poly.pdbx_seq_one_letter_code
;MAHHHHHHMAIRKILYLPDERLRKIAKPVETFDESLQTLINDMFDTMYDARGVGLAAPQIGVSLRLSVIDIVGDKKEQIV
IVNPEIVSSHGEKEFEEGCLSVPGAYDTVVRAEKVTVKALDRFGKPFEITGEGLLAECLQHEIDHMNGKLFVDMLSPLKR
MMARRKLDKFKRLQARKP
;
_entity_poly.pdbx_strand_id   A
#
loop_
_chem_comp.id
_chem_comp.type
_chem_comp.name
_chem_comp.formula
CL non-polymer 'CHLORIDE ION' 'Cl -1'
MES non-polymer '2-(N-MORPHOLINO)-ETHANESULFONIC ACID' 'C6 H13 N O4 S'
NI non-polymer 'NICKEL (II) ION' 'Ni 2'
#
# COMPACT_ATOMS: atom_id res chain seq x y z
N ALA A 10 0.77 12.88 -14.26
CA ALA A 10 1.61 12.56 -13.10
C ALA A 10 0.80 11.91 -11.98
N ILE A 11 -0.25 12.58 -11.53
CA ILE A 11 -1.11 12.05 -10.48
C ILE A 11 -2.07 11.04 -11.12
N ARG A 12 -1.92 9.77 -10.75
CA ARG A 12 -2.75 8.70 -11.27
C ARG A 12 -3.92 8.41 -10.33
N LYS A 13 -4.99 7.86 -10.89
CA LYS A 13 -6.15 7.51 -10.09
CA LYS A 13 -6.15 7.51 -10.08
C LYS A 13 -5.86 6.29 -9.21
N ILE A 14 -6.27 6.38 -7.95
CA ILE A 14 -6.17 5.25 -7.02
C ILE A 14 -7.37 4.36 -7.21
N LEU A 15 -7.14 3.06 -7.31
CA LEU A 15 -8.21 2.08 -7.44
C LEU A 15 -8.82 1.76 -6.09
N TYR A 16 -10.13 1.49 -6.10
CA TYR A 16 -10.86 1.18 -4.89
C TYR A 16 -11.42 -0.24 -4.96
N LEU A 17 -11.45 -0.89 -3.81
CA LEU A 17 -12.21 -2.12 -3.67
C LEU A 17 -13.60 -1.89 -4.27
N PRO A 18 -14.16 -2.87 -5.03
CA PRO A 18 -13.69 -4.24 -5.28
C PRO A 18 -12.93 -4.44 -6.59
N ASP A 19 -12.21 -3.42 -7.06
CA ASP A 19 -11.46 -3.59 -8.31
C ASP A 19 -10.56 -4.81 -8.24
N GLU A 20 -10.74 -5.72 -9.21
CA GLU A 20 -10.00 -6.98 -9.17
CA GLU A 20 -10.01 -6.98 -9.20
C GLU A 20 -8.50 -6.80 -9.39
N ARG A 21 -8.08 -5.66 -9.93
CA ARG A 21 -6.64 -5.42 -10.05
C ARG A 21 -5.97 -5.32 -8.69
N LEU A 22 -6.72 -4.98 -7.63
CA LEU A 22 -6.18 -4.97 -6.28
C LEU A 22 -6.00 -6.36 -5.72
N ARG A 23 -6.55 -7.39 -6.37
CA ARG A 23 -6.51 -8.76 -5.87
C ARG A 23 -5.50 -9.63 -6.61
N LYS A 24 -4.84 -9.09 -7.63
CA LYS A 24 -3.83 -9.86 -8.34
C LYS A 24 -2.60 -10.02 -7.46
N ILE A 25 -1.82 -11.06 -7.75
CA ILE A 25 -0.49 -11.21 -7.18
CA ILE A 25 -0.50 -11.18 -7.18
C ILE A 25 0.45 -10.46 -8.11
N ALA A 26 1.01 -9.36 -7.62
CA ALA A 26 1.88 -8.52 -8.44
C ALA A 26 3.15 -9.27 -8.85
N LYS A 27 3.63 -8.97 -10.08
CA LYS A 27 4.83 -9.61 -10.60
CA LYS A 27 4.83 -9.60 -10.62
C LYS A 27 6.08 -8.82 -10.21
N PRO A 28 7.21 -9.51 -10.03
CA PRO A 28 8.44 -8.80 -9.68
C PRO A 28 8.85 -7.83 -10.78
N VAL A 29 9.49 -6.74 -10.36
CA VAL A 29 10.09 -5.83 -11.33
C VAL A 29 11.31 -6.50 -11.94
N GLU A 30 11.33 -6.56 -13.28
CA GLU A 30 12.43 -7.18 -14.00
C GLU A 30 13.35 -6.18 -14.68
N THR A 31 12.87 -4.97 -14.99
CA THR A 31 13.61 -4.03 -15.80
C THR A 31 13.61 -2.66 -15.13
N PHE A 32 14.79 -2.15 -14.82
CA PHE A 32 14.95 -0.79 -14.32
C PHE A 32 15.21 0.10 -15.52
N ASP A 33 14.14 0.59 -16.14
CA ASP A 33 14.23 1.48 -17.29
C ASP A 33 13.63 2.84 -16.94
N GLU A 34 13.58 3.73 -17.94
CA GLU A 34 13.03 5.06 -17.72
C GLU A 34 11.57 5.00 -17.30
N SER A 35 10.81 4.06 -17.86
CA SER A 35 9.41 3.93 -17.49
C SER A 35 9.23 3.62 -16.01
N LEU A 36 10.18 2.88 -15.42
CA LEU A 36 10.09 2.58 -14.00
C LEU A 36 10.30 3.82 -13.14
N GLN A 37 11.25 4.67 -13.54
CA GLN A 37 11.46 5.91 -12.80
C GLN A 37 10.24 6.82 -12.88
N THR A 38 9.64 6.91 -14.07
CA THR A 38 8.42 7.68 -14.24
C THR A 38 7.31 7.14 -13.35
N LEU A 39 7.19 5.81 -13.28
CA LEU A 39 6.17 5.20 -12.43
C LEU A 39 6.39 5.54 -10.96
N ILE A 40 7.65 5.46 -10.51
CA ILE A 40 7.98 5.78 -9.13
C ILE A 40 7.64 7.23 -8.83
N ASN A 41 8.03 8.15 -9.73
CA ASN A 41 7.75 9.56 -9.54
C ASN A 41 6.24 9.81 -9.52
N ASP A 42 5.50 9.17 -10.42
CA ASP A 42 4.04 9.33 -10.44
C ASP A 42 3.41 8.79 -9.17
N MET A 43 3.94 7.68 -8.63
CA MET A 43 3.39 7.12 -7.40
C MET A 43 3.61 8.06 -6.23
N PHE A 44 4.81 8.65 -6.12
CA PHE A 44 5.03 9.66 -5.10
C PHE A 44 4.04 10.81 -5.23
N ASP A 45 3.90 11.36 -6.45
CA ASP A 45 2.95 12.46 -6.66
C ASP A 45 1.55 12.05 -6.23
N THR A 46 1.13 10.83 -6.59
CA THR A 46 -0.20 10.35 -6.24
C THR A 46 -0.34 10.20 -4.74
N MET A 47 0.69 9.66 -4.09
CA MET A 47 0.66 9.47 -2.64
C MET A 47 0.56 10.80 -1.91
N TYR A 48 1.39 11.77 -2.31
CA TYR A 48 1.32 13.08 -1.66
C TYR A 48 -0.03 13.75 -1.89
N ASP A 49 -0.57 13.62 -3.11
CA ASP A 49 -1.87 14.23 -3.39
C ASP A 49 -2.95 13.64 -2.50
N ALA A 50 -2.92 12.33 -2.27
CA ALA A 50 -3.87 11.66 -1.39
C ALA A 50 -3.53 11.84 0.08
N ARG A 51 -2.43 12.52 0.39
CA ARG A 51 -1.97 12.72 1.77
C ARG A 51 -1.70 11.39 2.48
N GLY A 52 -1.10 10.44 1.76
CA GLY A 52 -0.72 9.17 2.32
C GLY A 52 0.77 9.11 2.68
N VAL A 53 1.15 7.98 3.31
CA VAL A 53 2.54 7.68 3.64
C VAL A 53 3.07 6.49 2.87
N GLY A 54 2.22 5.76 2.16
CA GLY A 54 2.68 4.66 1.33
C GLY A 54 1.70 4.43 0.20
N LEU A 55 2.21 3.87 -0.89
CA LEU A 55 1.38 3.53 -2.03
C LEU A 55 2.06 2.38 -2.75
N ALA A 56 1.28 1.36 -3.12
CA ALA A 56 1.79 0.21 -3.86
C ALA A 56 1.31 0.28 -5.31
N ALA A 57 2.15 -0.17 -6.24
CA ALA A 57 1.79 -0.09 -7.66
C ALA A 57 0.43 -0.69 -8.01
N PRO A 58 0.01 -1.82 -7.44
CA PRO A 58 -1.34 -2.33 -7.76
C PRO A 58 -2.42 -1.32 -7.47
N GLN A 59 -2.21 -0.40 -6.52
CA GLN A 59 -3.24 0.58 -6.20
C GLN A 59 -3.45 1.63 -7.29
N ILE A 60 -2.55 1.73 -8.27
CA ILE A 60 -2.80 2.55 -9.44
C ILE A 60 -2.95 1.71 -10.72
N GLY A 61 -3.17 0.41 -10.55
CA GLY A 61 -3.43 -0.47 -11.68
C GLY A 61 -2.20 -1.05 -12.34
N VAL A 62 -1.05 -1.04 -11.68
CA VAL A 62 0.20 -1.55 -12.24
C VAL A 62 0.62 -2.75 -11.41
N SER A 63 0.63 -3.94 -12.01
CA SER A 63 0.80 -5.19 -11.27
C SER A 63 2.29 -5.51 -11.11
N LEU A 64 2.96 -4.67 -10.33
CA LEU A 64 4.39 -4.81 -10.06
C LEU A 64 4.62 -4.74 -8.56
N ARG A 65 5.63 -5.49 -8.10
CA ARG A 65 5.95 -5.54 -6.67
C ARG A 65 6.83 -4.33 -6.33
N LEU A 66 6.15 -3.19 -6.25
CA LEU A 66 6.82 -1.90 -6.08
CA LEU A 66 6.82 -1.91 -6.06
C LEU A 66 5.95 -1.02 -5.19
N SER A 67 6.56 -0.39 -4.20
CA SER A 67 5.87 0.55 -3.33
CA SER A 67 5.85 0.57 -3.37
CA SER A 67 5.86 0.57 -3.36
C SER A 67 6.76 1.73 -3.03
N VAL A 68 6.14 2.89 -2.75
CA VAL A 68 6.83 4.09 -2.31
C VAL A 68 6.35 4.43 -0.91
N ILE A 69 7.23 5.04 -0.11
CA ILE A 69 6.94 5.34 1.29
C ILE A 69 7.58 6.67 1.65
N ASP A 70 6.85 7.49 2.39
CA ASP A 70 7.44 8.67 3.04
C ASP A 70 6.68 8.85 4.35
N ILE A 71 7.29 8.39 5.45
CA ILE A 71 6.59 8.38 6.75
C ILE A 71 6.36 9.80 7.25
N VAL A 72 7.37 10.66 7.15
CA VAL A 72 7.25 12.02 7.69
C VAL A 72 6.43 12.90 6.78
N GLY A 73 6.56 12.73 5.46
CA GLY A 73 5.83 13.51 4.51
C GLY A 73 6.58 14.67 3.89
N ASP A 74 7.82 14.92 4.31
CA ASP A 74 8.55 16.10 3.89
C ASP A 74 9.52 15.83 2.76
N LYS A 75 9.46 14.66 2.14
CA LYS A 75 10.30 14.25 1.02
C LYS A 75 11.76 14.07 1.40
N LYS A 76 12.11 14.19 2.69
CA LYS A 76 13.51 14.13 3.11
C LYS A 76 14.04 12.70 3.13
N GLU A 77 13.19 11.71 3.43
CA GLU A 77 13.59 10.31 3.41
C GLU A 77 12.56 9.48 2.63
N GLN A 78 12.57 9.64 1.32
CA GLN A 78 11.72 8.83 0.46
C GLN A 78 12.29 7.43 0.37
N ILE A 79 11.44 6.43 0.55
CA ILE A 79 11.83 5.02 0.46
C ILE A 79 11.11 4.41 -0.73
N VAL A 80 11.84 3.68 -1.56
CA VAL A 80 11.25 2.87 -2.62
C VAL A 80 11.62 1.43 -2.35
N ILE A 81 10.62 0.55 -2.32
CA ILE A 81 10.86 -0.87 -2.11
CA ILE A 81 10.85 -0.87 -2.11
C ILE A 81 10.44 -1.63 -3.37
N VAL A 82 11.42 -2.26 -4.01
CA VAL A 82 11.21 -3.04 -5.23
C VAL A 82 11.47 -4.49 -4.86
N ASN A 83 10.54 -5.38 -5.20
CA ASN A 83 10.66 -6.80 -4.93
C ASN A 83 11.00 -7.11 -3.47
N PRO A 84 10.19 -6.62 -2.52
CA PRO A 84 10.51 -6.81 -1.10
C PRO A 84 10.26 -8.23 -0.64
N GLU A 85 11.03 -8.63 0.37
CA GLU A 85 10.81 -9.87 1.09
C GLU A 85 11.01 -9.58 2.57
N ILE A 86 10.13 -10.14 3.41
CA ILE A 86 10.29 -10.02 4.85
C ILE A 86 11.38 -10.99 5.30
N VAL A 87 12.45 -10.45 5.88
CA VAL A 87 13.52 -11.31 6.37
C VAL A 87 13.30 -11.76 7.81
N SER A 88 12.62 -10.94 8.61
CA SER A 88 12.33 -11.28 10.00
C SER A 88 11.23 -10.36 10.51
N SER A 89 10.55 -10.82 11.56
CA SER A 89 9.54 -10.00 12.21
C SER A 89 9.51 -10.37 13.68
N HIS A 90 8.96 -9.47 14.49
CA HIS A 90 8.91 -9.68 15.92
C HIS A 90 7.59 -9.14 16.47
N GLY A 91 6.98 -9.90 17.37
CA GLY A 91 5.80 -9.46 18.09
C GLY A 91 4.54 -9.39 17.26
N GLU A 92 3.42 -9.11 17.92
CA GLU A 92 2.14 -8.93 17.25
CA GLU A 92 2.16 -8.90 17.24
C GLU A 92 1.31 -7.97 18.08
N LYS A 93 0.72 -6.98 17.43
CA LYS A 93 -0.08 -6.00 18.15
C LYS A 93 -1.13 -5.41 17.23
N GLU A 94 -2.09 -4.75 17.87
CA GLU A 94 -3.19 -4.10 17.17
C GLU A 94 -2.75 -2.75 16.62
N PHE A 95 -3.24 -2.45 15.42
CA PHE A 95 -3.08 -1.16 14.78
C PHE A 95 -4.45 -0.68 14.33
N GLU A 96 -4.76 0.59 14.55
CA GLU A 96 -5.91 1.21 13.92
C GLU A 96 -5.48 1.63 12.52
N GLU A 97 -6.17 1.13 11.48
CA GLU A 97 -5.63 1.19 10.14
C GLU A 97 -6.69 1.65 9.13
N GLY A 98 -6.21 2.35 8.08
CA GLY A 98 -7.01 2.62 6.90
C GLY A 98 -6.23 2.22 5.65
N CYS A 99 -6.84 2.53 4.49
CA CYS A 99 -6.23 2.20 3.22
C CYS A 99 -6.77 3.13 2.16
N LEU A 100 -5.88 3.68 1.33
CA LEU A 100 -6.29 4.57 0.24
C LEU A 100 -7.20 3.88 -0.77
N SER A 101 -7.14 2.55 -0.86
CA SER A 101 -8.00 1.80 -1.75
C SER A 101 -9.27 1.31 -1.08
N VAL A 102 -9.46 1.61 0.20
CA VAL A 102 -10.74 1.39 0.87
C VAL A 102 -11.11 2.70 1.57
N PRO A 103 -11.27 3.80 0.83
CA PRO A 103 -11.47 5.11 1.47
C PRO A 103 -12.71 5.12 2.35
N GLY A 104 -12.56 5.78 3.50
CA GLY A 104 -13.65 5.95 4.44
C GLY A 104 -13.78 4.85 5.47
N ALA A 105 -13.06 3.74 5.33
CA ALA A 105 -13.20 2.58 6.22
C ALA A 105 -11.95 2.45 7.07
N TYR A 106 -12.12 2.45 8.38
CA TYR A 106 -11.03 2.35 9.33
C TYR A 106 -11.36 1.28 10.35
N ASP A 107 -10.38 0.44 10.70
CA ASP A 107 -10.63 -0.57 11.72
C ASP A 107 -9.31 -1.12 12.27
N THR A 108 -9.43 -1.98 13.28
CA THR A 108 -8.29 -2.53 13.99
C THR A 108 -7.84 -3.85 13.38
N VAL A 109 -6.56 -3.95 13.06
CA VAL A 109 -5.98 -5.19 12.57
C VAL A 109 -4.71 -5.49 13.36
N VAL A 110 -4.30 -6.76 13.32
CA VAL A 110 -3.12 -7.23 14.03
C VAL A 110 -2.01 -7.48 13.02
N ARG A 111 -0.84 -6.92 13.29
CA ARG A 111 0.35 -7.16 12.46
C ARG A 111 1.56 -7.31 13.36
N ALA A 112 2.69 -7.63 12.76
CA ALA A 112 3.92 -7.73 13.53
C ALA A 112 4.31 -6.36 14.08
N GLU A 113 4.93 -6.36 15.25
CA GLU A 113 5.35 -5.12 15.89
C GLU A 113 6.62 -4.58 15.27
N LYS A 114 7.53 -5.45 14.85
CA LYS A 114 8.78 -5.05 14.23
C LYS A 114 9.01 -5.95 13.04
N VAL A 115 9.52 -5.39 11.95
CA VAL A 115 9.77 -6.14 10.73
CA VAL A 115 9.77 -6.14 10.73
C VAL A 115 11.04 -5.64 10.07
N THR A 116 11.78 -6.56 9.44
CA THR A 116 12.93 -6.20 8.64
C THR A 116 12.66 -6.72 7.23
N VAL A 117 12.78 -5.83 6.26
CA VAL A 117 12.48 -6.12 4.86
C VAL A 117 13.75 -5.90 4.06
N LYS A 118 14.04 -6.83 3.14
CA LYS A 118 15.07 -6.61 2.14
C LYS A 118 14.41 -6.34 0.80
N ALA A 119 15.00 -5.45 0.02
CA ALA A 119 14.41 -5.06 -1.25
C ALA A 119 15.50 -4.45 -2.10
N LEU A 120 15.14 -4.05 -3.33
CA LEU A 120 15.99 -3.20 -4.14
C LEU A 120 15.50 -1.76 -4.03
N ASP A 121 16.44 -0.81 -4.03
CA ASP A 121 16.06 0.59 -4.04
C ASP A 121 15.64 0.99 -5.45
N ARG A 122 15.37 2.28 -5.66
CA ARG A 122 14.84 2.70 -6.96
C ARG A 122 15.87 2.57 -8.08
N PHE A 123 17.13 2.32 -7.74
CA PHE A 123 18.19 2.12 -8.74
C PHE A 123 18.68 0.68 -8.78
N GLY A 124 18.01 -0.24 -8.09
CA GLY A 124 18.36 -1.63 -8.14
C GLY A 124 19.37 -2.09 -7.11
N LYS A 125 19.78 -1.23 -6.19
CA LYS A 125 20.77 -1.65 -5.19
C LYS A 125 20.05 -2.31 -4.02
N PRO A 126 20.49 -3.50 -3.60
CA PRO A 126 19.83 -4.15 -2.46
C PRO A 126 20.05 -3.36 -1.18
N PHE A 127 19.02 -3.31 -0.36
CA PHE A 127 19.11 -2.68 0.94
C PHE A 127 18.18 -3.42 1.88
N GLU A 128 18.36 -3.17 3.17
CA GLU A 128 17.44 -3.67 4.18
C GLU A 128 16.96 -2.52 5.03
N ILE A 129 15.71 -2.60 5.45
CA ILE A 129 15.10 -1.59 6.29
C ILE A 129 14.37 -2.30 7.42
N THR A 130 14.54 -1.80 8.64
CA THR A 130 13.83 -2.31 9.80
C THR A 130 12.89 -1.22 10.30
N GLY A 131 11.65 -1.60 10.55
CA GLY A 131 10.65 -0.66 11.02
C GLY A 131 9.93 -1.13 12.27
N GLU A 132 9.54 -0.15 13.08
CA GLU A 132 8.56 -0.31 14.13
C GLU A 132 7.48 0.74 13.91
N GLY A 133 6.44 0.69 14.74
CA GLY A 133 5.37 1.68 14.65
C GLY A 133 4.76 1.80 13.27
N LEU A 134 4.58 3.05 12.83
CA LEU A 134 3.91 3.30 11.55
C LEU A 134 4.68 2.70 10.38
N LEU A 135 6.02 2.77 10.41
CA LEU A 135 6.81 2.20 9.31
C LEU A 135 6.63 0.68 9.22
N ALA A 136 6.67 -0.01 10.36
CA ALA A 136 6.40 -1.45 10.35
C ALA A 136 5.02 -1.76 9.82
N GLU A 137 4.02 -0.99 10.28
CA GLU A 137 2.66 -1.19 9.80
C GLU A 137 2.60 -0.97 8.29
N CYS A 138 3.23 0.10 7.82
CA CYS A 138 3.18 0.45 6.40
C CYS A 138 3.86 -0.60 5.54
N LEU A 139 5.06 -1.05 5.94
CA LEU A 139 5.78 -2.06 5.16
C LEU A 139 4.93 -3.31 4.98
N GLN A 140 4.30 -3.79 6.05
CA GLN A 140 3.47 -5.00 5.98
C GLN A 140 2.22 -4.75 5.13
N HIS A 141 1.61 -3.58 5.28
CA HIS A 141 0.45 -3.21 4.49
C HIS A 141 0.79 -3.15 3.01
N GLU A 142 1.98 -2.64 2.67
CA GLU A 142 2.43 -2.54 1.28
CA GLU A 142 2.36 -2.55 1.28
C GLU A 142 2.64 -3.93 0.69
N ILE A 143 3.34 -4.79 1.41
CA ILE A 143 3.58 -6.15 0.91
C ILE A 143 2.26 -6.87 0.71
N ASP A 144 1.31 -6.70 1.64
CA ASP A 144 -0.03 -7.25 1.44
C ASP A 144 -0.63 -6.80 0.11
N HIS A 145 -0.52 -5.50 -0.21
CA HIS A 145 -1.07 -5.01 -1.48
C HIS A 145 -0.46 -5.74 -2.66
N MET A 146 0.85 -6.08 -2.59
CA MET A 146 1.50 -6.80 -3.67
C MET A 146 1.04 -8.24 -3.76
N ASN A 147 0.43 -8.76 -2.69
CA ASN A 147 -0.11 -10.12 -2.68
C ASN A 147 -1.62 -10.14 -2.83
N GLY A 148 -2.22 -9.02 -3.22
CA GLY A 148 -3.66 -9.00 -3.44
C GLY A 148 -4.49 -8.99 -2.19
N LYS A 149 -3.90 -8.61 -1.05
CA LYS A 149 -4.55 -8.65 0.26
C LYS A 149 -4.82 -7.22 0.71
N LEU A 150 -6.03 -6.99 1.21
CA LEU A 150 -6.46 -5.69 1.71
C LEU A 150 -6.81 -5.87 3.19
N PHE A 151 -6.68 -4.79 3.97
CA PHE A 151 -6.76 -4.97 5.42
C PHE A 151 -8.13 -5.43 5.87
N VAL A 152 -9.18 -5.08 5.10
CA VAL A 152 -10.52 -5.53 5.45
C VAL A 152 -10.64 -7.05 5.42
N ASP A 153 -9.74 -7.73 4.71
CA ASP A 153 -9.78 -9.20 4.66
C ASP A 153 -9.59 -9.81 6.03
N MET A 154 -8.95 -9.09 6.95
CA MET A 154 -8.64 -9.62 8.27
C MET A 154 -9.74 -9.35 9.29
N LEU A 155 -10.79 -8.62 8.91
CA LEU A 155 -11.82 -8.23 9.84
C LEU A 155 -12.92 -9.29 9.96
N SER A 156 -13.73 -9.15 11.01
CA SER A 156 -14.90 -10.00 11.19
C SER A 156 -15.90 -9.73 10.07
N PRO A 157 -16.83 -10.68 9.82
CA PRO A 157 -17.84 -10.41 8.78
C PRO A 157 -18.63 -9.13 9.01
N LEU A 158 -19.03 -8.87 10.26
CA LEU A 158 -19.78 -7.65 10.55
C LEU A 158 -18.95 -6.42 10.25
N LYS A 159 -17.68 -6.41 10.68
CA LYS A 159 -16.83 -5.26 10.45
C LYS A 159 -16.48 -5.08 8.97
N ARG A 160 -16.36 -6.17 8.22
CA ARG A 160 -16.16 -6.03 6.78
C ARG A 160 -17.39 -5.45 6.12
N MET A 161 -18.57 -5.91 6.52
CA MET A 161 -19.80 -5.34 5.99
C MET A 161 -19.89 -3.85 6.29
N MET A 162 -19.53 -3.45 7.51
CA MET A 162 -19.56 -2.05 7.87
CA MET A 162 -19.55 -2.04 7.88
C MET A 162 -18.56 -1.24 7.04
N ALA A 163 -17.37 -1.80 6.82
CA ALA A 163 -16.38 -1.12 6.00
C ALA A 163 -16.91 -0.92 4.59
N ARG A 164 -17.59 -1.93 4.02
CA ARG A 164 -18.11 -1.78 2.67
CA ARG A 164 -18.11 -1.79 2.67
C ARG A 164 -19.18 -0.72 2.60
N ARG A 165 -20.00 -0.61 3.65
CA ARG A 165 -21.03 0.43 3.68
C ARG A 165 -20.40 1.81 3.68
N LYS A 166 -19.33 2.00 4.47
CA LYS A 166 -18.65 3.30 4.48
C LYS A 166 -17.99 3.59 3.14
N LEU A 167 -17.36 2.57 2.54
CA LEU A 167 -16.79 2.75 1.22
C LEU A 167 -17.85 3.16 0.20
N ASP A 168 -19.02 2.51 0.23
CA ASP A 168 -20.05 2.83 -0.75
C ASP A 168 -20.56 4.26 -0.56
N LYS A 169 -20.68 4.71 0.70
CA LYS A 169 -21.07 6.09 0.94
C LYS A 169 -20.04 7.07 0.39
N PHE A 170 -18.75 6.76 0.58
CA PHE A 170 -17.68 7.59 0.01
C PHE A 170 -17.82 7.67 -1.50
N LYS A 171 -18.00 6.53 -2.17
CA LYS A 171 -18.15 6.53 -3.63
C LYS A 171 -19.34 7.37 -4.06
N ARG A 172 -20.48 7.23 -3.38
CA ARG A 172 -21.66 8.02 -3.75
CA ARG A 172 -21.65 8.01 -3.77
C ARG A 172 -21.39 9.50 -3.60
N LEU A 173 -20.68 9.89 -2.54
CA LEU A 173 -20.38 11.30 -2.33
C LEU A 173 -19.48 11.84 -3.44
N GLN A 174 -18.45 11.08 -3.82
CA GLN A 174 -17.57 11.52 -4.89
C GLN A 174 -18.32 11.67 -6.21
N ALA A 175 -19.26 10.76 -6.47
CA ALA A 175 -20.03 10.81 -7.71
C ALA A 175 -20.98 12.01 -7.78
N ARG A 176 -21.40 12.56 -6.63
CA ARG A 176 -22.23 13.75 -6.63
C ARG A 176 -21.45 15.01 -6.96
N LYS A 177 -20.12 14.96 -6.92
CA LYS A 177 -19.33 16.15 -7.21
C LYS A 177 -19.43 16.49 -8.70
N PRO A 178 -19.40 17.78 -9.05
CA PRO A 178 -19.43 18.19 -10.45
C PRO A 178 -18.18 17.76 -11.22
O1 MES B . 0.20 1.45 7.48
C2 MES B . 0.24 2.74 8.05
C3 MES B . -0.14 3.83 7.06
N4 MES B . -1.43 3.52 6.44
C5 MES B . -1.55 2.18 5.85
C6 MES B . -1.06 1.14 6.86
C7 MES B . -1.98 4.65 5.66
C8 MES B . -3.26 4.31 4.90
S MES B . -4.05 5.73 4.44
O1S MES B . -4.42 6.50 5.66
O2S MES B . -5.28 5.36 3.72
O3S MES B . -3.12 6.51 3.59
CL CL C . -2.89 2.52 1.26
NI NI D . -3.63 0.36 1.37
#